data_1DY9
#
_entry.id   1DY9
#
_cell.length_a   94.350
_cell.length_b   94.350
_cell.length_c   82.370
_cell.angle_alpha   90.00
_cell.angle_beta   90.00
_cell.angle_gamma   120.00
#
_symmetry.space_group_name_H-M   'P 61'
#
loop_
_entity.id
_entity.type
_entity.pdbx_description
1 polymer 'PROTEASE/HELICASE NS3 (P70)'
2 polymer 'NONSTRUCTURAL PROTEIN NS4A (P4)'
3 non-polymer N-(tert-butoxycarbonyl)-L-alpha-glutamyl-N-[(1R)-1-(carboxycarbonyl)-3,3-difluoropropyl]-L-leucinamide
4 non-polymer 'ZINC ION'
5 water water
#
loop_
_entity_poly.entity_id
_entity_poly.type
_entity_poly.pdbx_seq_one_letter_code
_entity_poly.pdbx_strand_id
1 'polypeptide(L)'
;APITAYSQQTRGLLGCIITSLTGRDKNQVDGEVQVLSTATQSFLATCVNGVCWTVYHGAGSKTLAGPKGPITQMYTNVDQ
DLVGWPAPPGARSMTPCTCGSSDLYLVTRHADVIPVRRRGDSRGSLLSPRPVSYLKGSSGGPLLCPSGHVVGIFRAAVCT
RGVAKAVDFIPVESMETTMRSPVFTDN
;
A,B
2 'polypeptide(L)' KGSVVIVGRIILSGRK C,D
#
# COMPACT_ATOMS: atom_id res chain seq x y z
N ALA A 1 -8.66 -0.34 1.84
CA ALA A 1 -9.03 0.73 0.87
C ALA A 1 -9.81 1.86 1.53
N PRO A 2 -9.38 3.09 1.30
CA PRO A 2 -10.04 4.29 1.75
C PRO A 2 -11.16 4.76 0.82
N ILE A 3 -10.88 4.67 -0.47
CA ILE A 3 -11.84 5.09 -1.51
C ILE A 3 -12.89 4.03 -1.76
N THR A 4 -14.12 4.43 -2.06
CA THR A 4 -15.16 3.45 -2.37
C THR A 4 -15.82 3.76 -3.73
N ALA A 5 -16.43 2.71 -4.29
CA ALA A 5 -16.98 2.84 -5.65
C ALA A 5 -18.22 1.99 -5.84
N TYR A 6 -19.14 2.46 -6.67
CA TYR A 6 -20.20 1.56 -7.14
C TYR A 6 -20.51 1.86 -8.59
N SER A 7 -21.15 0.88 -9.22
CA SER A 7 -21.46 1.02 -10.65
C SER A 7 -22.97 1.06 -10.86
N GLN A 8 -23.33 1.64 -12.00
CA GLN A 8 -24.69 1.66 -12.49
C GLN A 8 -24.66 1.32 -13.98
N GLN A 9 -25.32 0.24 -14.38
CA GLN A 9 -25.46 -0.07 -15.79
C GLN A 9 -26.44 0.92 -16.40
N THR A 10 -26.30 1.21 -17.69
CA THR A 10 -27.12 2.22 -18.33
C THR A 10 -27.71 1.72 -19.66
N ARG A 11 -27.13 0.66 -20.19
CA ARG A 11 -27.68 0.12 -21.45
C ARG A 11 -27.44 -1.39 -21.46
N GLY A 12 -28.14 -2.08 -22.35
CA GLY A 12 -27.86 -3.50 -22.55
C GLY A 12 -27.47 -3.72 -24.02
N LEU A 13 -27.33 -4.98 -24.41
CA LEU A 13 -26.82 -5.33 -25.72
C LEU A 13 -27.49 -4.61 -26.88
N LEU A 14 -28.81 -4.46 -26.86
CA LEU A 14 -29.49 -4.00 -28.06
C LEU A 14 -29.24 -2.51 -28.26
N GLY A 15 -29.57 -1.73 -27.23
CA GLY A 15 -29.31 -0.29 -27.28
C GLY A 15 -27.84 -0.05 -27.68
N CYS A 16 -26.91 -0.87 -27.19
CA CYS A 16 -25.50 -0.71 -27.42
C CYS A 16 -25.16 -0.87 -28.91
N ILE A 17 -25.72 -1.89 -29.56
CA ILE A 17 -25.44 -2.19 -30.97
C ILE A 17 -25.97 -1.03 -31.80
N ILE A 18 -27.17 -0.59 -31.48
CA ILE A 18 -27.77 0.56 -32.13
C ILE A 18 -27.09 1.87 -31.85
N THR A 19 -26.68 2.11 -30.60
CA THR A 19 -25.94 3.34 -30.30
C THR A 19 -24.58 3.32 -31.00
N SER A 20 -23.93 2.19 -31.21
CA SER A 20 -22.68 2.17 -31.95
C SER A 20 -22.86 2.59 -33.41
N LEU A 21 -23.99 2.21 -33.97
CA LEU A 21 -24.28 2.44 -35.38
C LEU A 21 -24.79 3.85 -35.64
N THR A 22 -25.52 4.41 -34.69
CA THR A 22 -25.99 5.80 -34.88
C THR A 22 -24.93 6.80 -34.44
N GLY A 23 -24.14 6.39 -33.45
CA GLY A 23 -23.20 7.30 -32.81
C GLY A 23 -23.91 8.37 -32.01
N ARG A 24 -25.17 8.15 -31.66
CA ARG A 24 -25.95 9.17 -30.96
C ARG A 24 -26.39 8.63 -29.60
N ASP A 25 -25.84 9.17 -28.52
CA ASP A 25 -26.19 8.70 -27.18
C ASP A 25 -26.98 9.78 -26.44
N LYS A 26 -28.26 9.55 -26.24
CA LYS A 26 -29.03 10.48 -25.42
C LYS A 26 -29.01 10.26 -23.92
N ASN A 27 -28.40 9.20 -23.42
CA ASN A 27 -28.40 8.97 -21.97
C ASN A 27 -27.76 10.12 -21.22
N GLN A 28 -28.20 10.42 -20.01
CA GLN A 28 -27.49 11.35 -19.12
C GLN A 28 -26.16 10.72 -18.72
N VAL A 29 -25.06 11.47 -18.73
CA VAL A 29 -23.78 10.90 -18.31
C VAL A 29 -23.51 11.31 -16.87
N ASP A 30 -22.99 10.41 -16.05
CA ASP A 30 -22.59 10.78 -14.69
C ASP A 30 -21.35 9.97 -14.33
N GLY A 31 -20.63 10.35 -13.28
CA GLY A 31 -19.57 9.50 -12.75
C GLY A 31 -18.20 9.96 -13.22
N GLU A 32 -17.18 9.47 -12.54
CA GLU A 32 -15.80 9.75 -12.85
C GLU A 32 -15.25 8.85 -13.96
N VAL A 33 -15.84 7.65 -14.03
CA VAL A 33 -15.35 6.57 -14.87
C VAL A 33 -16.51 6.06 -15.71
N GLN A 34 -16.34 6.01 -17.02
CA GLN A 34 -17.34 5.50 -17.94
C GLN A 34 -17.01 4.05 -18.29
N VAL A 35 -18.04 3.19 -18.28
CA VAL A 35 -17.86 1.81 -18.72
C VAL A 35 -18.14 1.78 -20.21
N LEU A 36 -17.19 1.31 -21.00
CA LEU A 36 -17.32 1.43 -22.45
C LEU A 36 -17.37 0.05 -23.13
N SER A 37 -18.07 0.07 -24.26
CA SER A 37 -18.04 -1.16 -25.08
C SER A 37 -18.02 -0.88 -26.58
N THR A 38 -17.29 -1.75 -27.28
CA THR A 38 -17.42 -1.77 -28.75
C THR A 38 -17.91 -3.16 -29.14
N ALA A 39 -17.96 -3.43 -30.43
CA ALA A 39 -18.39 -4.71 -30.97
C ALA A 39 -17.67 -5.90 -30.30
N THR A 40 -16.35 -5.79 -30.23
CA THR A 40 -15.52 -6.89 -29.78
C THR A 40 -14.93 -6.66 -28.39
N GLN A 41 -14.95 -5.44 -27.84
CA GLN A 41 -14.36 -5.29 -26.52
C GLN A 41 -15.07 -4.36 -25.55
N SER A 42 -14.56 -4.49 -24.31
CA SER A 42 -15.11 -3.84 -23.13
C SER A 42 -13.96 -3.24 -22.32
N PHE A 43 -14.09 -1.96 -21.97
CA PHE A 43 -12.96 -1.27 -21.29
C PHE A 43 -13.52 -0.06 -20.57
N LEU A 44 -12.69 0.81 -19.98
CA LEU A 44 -13.16 1.91 -19.17
C LEU A 44 -12.52 3.21 -19.68
N ALA A 45 -13.13 4.35 -19.34
CA ALA A 45 -12.52 5.65 -19.55
C ALA A 45 -12.56 6.42 -18.22
N THR A 46 -11.46 7.05 -17.89
CA THR A 46 -11.35 7.90 -16.72
C THR A 46 -11.45 9.37 -17.15
N CYS A 47 -12.34 10.12 -16.55
CA CYS A 47 -12.46 11.56 -16.76
C CYS A 47 -11.49 12.41 -15.95
N VAL A 48 -10.59 13.11 -16.62
CA VAL A 48 -9.56 13.95 -15.99
C VAL A 48 -9.57 15.28 -16.75
N ASN A 49 -9.64 16.41 -16.05
CA ASN A 49 -9.68 17.73 -16.69
C ASN A 49 -10.62 17.83 -17.85
N GLY A 50 -11.88 17.46 -17.68
CA GLY A 50 -12.84 17.48 -18.75
C GLY A 50 -12.49 16.64 -19.97
N VAL A 51 -11.54 15.70 -19.92
CA VAL A 51 -11.33 14.78 -21.04
C VAL A 51 -11.59 13.35 -20.57
N CYS A 52 -12.26 12.53 -21.36
CA CYS A 52 -12.39 11.10 -21.11
C CYS A 52 -11.21 10.35 -21.73
N TRP A 53 -10.33 9.82 -20.92
CA TRP A 53 -9.21 9.05 -21.40
C TRP A 53 -9.37 7.53 -21.33
N THR A 54 -8.80 6.83 -22.32
CA THR A 54 -8.82 5.38 -22.33
C THR A 54 -7.64 4.85 -23.12
N VAL A 55 -7.58 3.54 -23.30
CA VAL A 55 -6.52 2.87 -24.01
C VAL A 55 -6.77 2.86 -25.51
N TYR A 56 -5.72 3.08 -26.30
CA TYR A 56 -5.85 2.96 -27.75
C TYR A 56 -6.11 1.53 -28.20
N HIS A 57 -5.49 0.56 -27.50
CA HIS A 57 -5.69 -0.82 -27.91
C HIS A 57 -7.14 -1.25 -27.72
N GLY A 58 -7.93 -0.51 -26.97
CA GLY A 58 -9.37 -0.76 -26.87
C GLY A 58 -10.15 0.12 -27.82
N ALA A 59 -10.00 1.45 -27.74
CA ALA A 59 -10.85 2.32 -28.57
C ALA A 59 -10.38 2.44 -30.03
N GLY A 60 -9.14 2.08 -30.32
CA GLY A 60 -8.49 2.43 -31.57
C GLY A 60 -8.69 3.90 -31.92
N SER A 61 -9.17 4.18 -33.13
CA SER A 61 -9.37 5.58 -33.55
C SER A 61 -10.83 6.01 -33.63
N LYS A 62 -11.69 5.21 -33.00
CA LYS A 62 -13.14 5.39 -33.00
C LYS A 62 -13.65 6.63 -32.30
N THR A 63 -14.78 7.14 -32.76
CA THR A 63 -15.53 8.20 -32.11
C THR A 63 -16.21 7.63 -30.86
N LEU A 64 -16.64 8.51 -29.95
CA LEU A 64 -17.50 8.15 -28.83
C LEU A 64 -18.93 8.64 -29.05
N ALA A 65 -19.93 7.74 -28.95
CA ALA A 65 -21.32 8.17 -29.12
C ALA A 65 -21.68 9.21 -28.05
N GLY A 66 -22.23 10.34 -28.50
CA GLY A 66 -22.56 11.44 -27.62
C GLY A 66 -23.94 12.00 -27.96
N PRO A 67 -24.38 12.93 -27.10
CA PRO A 67 -25.73 13.48 -27.18
C PRO A 67 -25.96 14.29 -28.45
N LYS A 68 -24.90 14.75 -29.09
CA LYS A 68 -25.03 15.38 -30.41
C LYS A 68 -24.48 14.53 -31.54
N GLY A 69 -24.47 13.20 -31.40
CA GLY A 69 -23.78 12.38 -32.41
C GLY A 69 -22.35 12.09 -31.97
N PRO A 70 -21.58 11.49 -32.87
CA PRO A 70 -20.26 10.96 -32.53
C PRO A 70 -19.24 12.03 -32.16
N ILE A 71 -18.45 11.72 -31.11
CA ILE A 71 -17.41 12.64 -30.66
C ILE A 71 -16.05 12.18 -31.14
N THR A 72 -15.39 13.06 -31.90
CA THR A 72 -14.04 12.81 -32.40
C THR A 72 -12.99 12.87 -31.29
N GLN A 73 -11.99 12.01 -31.35
CA GLN A 73 -10.91 12.04 -30.37
C GLN A 73 -10.16 13.37 -30.41
N MET A 74 -9.85 13.93 -29.26
CA MET A 74 -9.08 15.17 -29.13
C MET A 74 -7.61 14.82 -29.04
N TYR A 75 -7.34 13.58 -28.64
CA TYR A 75 -5.98 13.14 -28.41
C TYR A 75 -5.83 11.68 -28.79
N THR A 76 -4.84 11.38 -29.63
CA THR A 76 -4.59 10.02 -30.08
C THR A 76 -3.08 9.82 -30.09
N ASN A 77 -2.60 8.94 -29.23
CA ASN A 77 -1.16 8.68 -29.18
C ASN A 77 -0.94 7.18 -29.14
N VAL A 78 -0.70 6.60 -30.31
CA VAL A 78 -0.56 5.15 -30.46
C VAL A 78 0.60 4.63 -29.60
N ASP A 79 1.70 5.37 -29.52
CA ASP A 79 2.84 4.77 -28.82
C ASP A 79 2.62 4.81 -27.32
N GLN A 80 1.98 5.82 -26.74
CA GLN A 80 1.66 5.73 -25.31
C GLN A 80 0.39 4.92 -25.02
N ASP A 81 -0.26 4.41 -26.06
CA ASP A 81 -1.49 3.65 -25.91
C ASP A 81 -2.56 4.53 -25.26
N LEU A 82 -2.74 5.75 -25.72
CA LEU A 82 -3.62 6.66 -25.01
C LEU A 82 -4.50 7.47 -25.96
N VAL A 83 -5.81 7.50 -25.69
CA VAL A 83 -6.68 8.35 -26.49
C VAL A 83 -7.55 9.16 -25.51
N GLY A 84 -8.05 10.31 -25.94
CA GLY A 84 -8.94 11.11 -25.10
C GLY A 84 -10.05 11.75 -25.92
N TRP A 85 -11.30 11.71 -25.49
CA TRP A 85 -12.38 12.49 -26.08
C TRP A 85 -12.80 13.61 -25.11
N PRO A 86 -13.18 14.79 -25.61
CA PRO A 86 -13.84 15.82 -24.82
C PRO A 86 -14.92 15.15 -23.98
N ALA A 87 -14.94 15.28 -22.65
CA ALA A 87 -15.95 14.56 -21.88
C ALA A 87 -17.33 15.12 -22.15
N PRO A 88 -18.30 14.27 -22.42
CA PRO A 88 -19.71 14.68 -22.43
C PRO A 88 -19.98 15.42 -21.14
N PRO A 89 -20.90 16.38 -21.16
CA PRO A 89 -21.25 17.12 -19.94
C PRO A 89 -22.06 16.21 -19.02
N GLY A 90 -21.74 16.22 -17.74
CA GLY A 90 -22.32 15.25 -16.81
C GLY A 90 -21.20 14.42 -16.20
N ALA A 91 -20.20 14.04 -16.99
CA ALA A 91 -19.06 13.30 -16.44
C ALA A 91 -18.44 14.11 -15.30
N ARG A 92 -18.05 13.45 -14.23
CA ARG A 92 -17.40 14.12 -13.11
C ARG A 92 -15.89 14.03 -13.34
N SER A 93 -15.26 15.19 -13.46
CA SER A 93 -13.85 15.21 -13.85
C SER A 93 -12.98 15.11 -12.59
N MET A 94 -11.99 14.25 -12.64
CA MET A 94 -11.07 14.08 -11.51
C MET A 94 -9.90 15.03 -11.73
N THR A 95 -8.96 15.06 -10.80
CA THR A 95 -7.80 15.96 -10.92
C THR A 95 -6.55 15.13 -10.73
N PRO A 96 -5.53 15.40 -11.54
CA PRO A 96 -4.27 14.68 -11.50
C PRO A 96 -3.60 14.73 -10.14
N CYS A 97 -2.91 13.68 -9.74
CA CYS A 97 -2.45 13.51 -8.37
C CYS A 97 -1.26 14.35 -7.96
N THR A 98 -0.07 14.16 -8.52
CA THR A 98 1.08 14.98 -8.14
C THR A 98 1.74 14.59 -6.83
N CYS A 99 1.04 14.43 -5.72
CA CYS A 99 1.63 14.32 -4.39
C CYS A 99 2.70 13.26 -4.25
N GLY A 100 2.81 12.31 -5.18
CA GLY A 100 3.89 11.34 -5.19
C GLY A 100 3.63 10.21 -4.21
N SER A 101 2.36 9.96 -3.90
CA SER A 101 2.02 8.84 -3.03
C SER A 101 2.37 7.53 -3.74
N SER A 102 2.71 6.52 -2.95
CA SER A 102 3.00 5.22 -3.56
C SER A 102 2.06 4.16 -2.99
N ASP A 103 1.10 4.58 -2.18
CA ASP A 103 -0.06 3.75 -1.86
C ASP A 103 -1.12 4.07 -2.91
N LEU A 104 -1.30 3.15 -3.87
CA LEU A 104 -2.27 3.40 -4.95
C LEU A 104 -3.42 2.39 -4.96
N TYR A 105 -4.53 2.82 -5.55
CA TYR A 105 -5.77 2.08 -5.64
C TYR A 105 -6.35 2.02 -7.06
N LEU A 106 -6.48 0.83 -7.59
CA LEU A 106 -7.06 0.59 -8.91
C LEU A 106 -8.57 0.43 -8.83
N VAL A 107 -9.32 1.20 -9.61
CA VAL A 107 -10.76 0.97 -9.66
C VAL A 107 -11.08 0.04 -10.83
N THR A 108 -11.74 -1.09 -10.58
CA THR A 108 -12.04 -2.02 -11.67
C THR A 108 -13.42 -1.81 -12.26
N ARG A 109 -13.70 -2.44 -13.40
CA ARG A 109 -15.03 -2.45 -14.01
C ARG A 109 -16.19 -2.87 -13.09
N HIS A 110 -15.95 -3.76 -12.16
CA HIS A 110 -16.93 -4.20 -11.19
C HIS A 110 -16.95 -3.27 -9.99
N ALA A 111 -16.35 -2.09 -10.08
CA ALA A 111 -16.30 -1.15 -8.95
C ALA A 111 -15.65 -1.70 -7.70
N ASP A 112 -14.70 -2.62 -7.81
CA ASP A 112 -13.83 -2.97 -6.69
C ASP A 112 -12.67 -1.99 -6.66
N VAL A 113 -12.14 -1.74 -5.47
CA VAL A 113 -11.04 -0.81 -5.32
C VAL A 113 -9.85 -1.59 -4.77
N ILE A 114 -8.81 -1.82 -5.57
CA ILE A 114 -7.75 -2.70 -5.08
C ILE A 114 -6.39 -2.02 -4.92
N PRO A 115 -5.71 -2.44 -3.84
CA PRO A 115 -4.49 -1.80 -3.40
C PRO A 115 -3.32 -2.11 -4.28
N VAL A 116 -2.59 -1.07 -4.69
CA VAL A 116 -1.46 -1.30 -5.61
C VAL A 116 -0.23 -0.62 -5.00
N ARG A 117 0.91 -1.24 -5.07
CA ARG A 117 2.16 -0.58 -4.63
C ARG A 117 2.90 -0.06 -5.86
N ARG A 118 3.03 1.23 -6.01
CA ARG A 118 3.78 1.82 -7.11
C ARG A 118 5.24 1.40 -7.05
N ARG A 119 5.80 1.00 -8.20
CA ARG A 119 7.10 0.43 -8.35
C ARG A 119 8.03 1.17 -9.30
N GLY A 120 7.51 1.93 -10.22
CA GLY A 120 8.28 2.65 -11.26
C GLY A 120 7.27 3.70 -11.77
N ASP A 121 7.66 4.52 -12.73
CA ASP A 121 6.69 5.47 -13.28
C ASP A 121 5.44 4.77 -13.83
N SER A 122 5.56 3.61 -14.46
CA SER A 122 4.34 3.09 -15.11
C SER A 122 4.05 1.65 -14.72
N ARG A 123 4.56 1.26 -13.54
CA ARG A 123 4.33 -0.05 -12.97
C ARG A 123 3.89 -0.05 -11.51
N GLY A 124 3.09 -1.06 -11.17
CA GLY A 124 2.65 -1.26 -9.79
C GLY A 124 2.47 -2.74 -9.46
N SER A 125 2.69 -3.13 -8.21
CA SER A 125 2.39 -4.53 -7.83
C SER A 125 1.09 -4.58 -7.06
N LEU A 126 0.32 -5.64 -7.30
CA LEU A 126 -0.91 -5.79 -6.50
C LEU A 126 -0.48 -6.33 -5.14
N LEU A 127 -0.97 -5.85 -4.03
CA LEU A 127 -0.59 -6.36 -2.72
C LEU A 127 -1.12 -7.75 -2.46
N SER A 128 -2.23 -8.13 -3.08
CA SER A 128 -2.62 -9.53 -3.24
C SER A 128 -2.86 -9.86 -4.72
N PRO A 129 -2.35 -10.96 -5.22
CA PRO A 129 -2.59 -11.39 -6.59
C PRO A 129 -4.06 -11.63 -6.89
N ARG A 130 -4.48 -11.47 -8.15
CA ARG A 130 -5.88 -11.68 -8.52
C ARG A 130 -5.86 -12.45 -9.84
N PRO A 131 -6.88 -13.21 -10.16
CA PRO A 131 -6.94 -13.82 -11.48
C PRO A 131 -6.90 -12.68 -12.49
N VAL A 132 -6.31 -12.90 -13.66
CA VAL A 132 -6.41 -11.87 -14.68
C VAL A 132 -7.83 -11.69 -15.21
N SER A 133 -8.67 -12.72 -15.26
CA SER A 133 -10.06 -12.59 -15.68
C SER A 133 -10.83 -11.51 -14.94
N TYR A 134 -10.52 -11.29 -13.67
CA TYR A 134 -11.02 -10.24 -12.82
C TYR A 134 -10.61 -8.82 -13.24
N LEU A 135 -9.49 -8.72 -13.91
CA LEU A 135 -9.01 -7.44 -14.46
C LEU A 135 -9.49 -7.19 -15.88
N LYS A 136 -9.84 -8.23 -16.68
CA LYS A 136 -10.38 -8.00 -18.02
C LYS A 136 -11.59 -7.05 -18.00
N GLY A 137 -11.64 -6.17 -19.00
CA GLY A 137 -12.62 -5.12 -19.11
C GLY A 137 -12.31 -3.89 -18.24
N SER A 138 -11.20 -3.87 -17.49
CA SER A 138 -10.89 -2.66 -16.71
C SER A 138 -9.81 -1.76 -17.29
N SER A 139 -9.20 -2.12 -18.41
CA SER A 139 -8.25 -1.21 -19.07
C SER A 139 -8.85 0.16 -19.33
N GLY A 140 -8.05 1.19 -19.05
CA GLY A 140 -8.61 2.54 -18.97
C GLY A 140 -9.06 3.00 -17.62
N GLY A 141 -9.16 2.09 -16.61
CA GLY A 141 -9.73 2.58 -15.32
C GLY A 141 -8.56 3.28 -14.53
N PRO A 142 -8.97 3.97 -13.47
CA PRO A 142 -8.03 4.83 -12.75
C PRO A 142 -7.23 4.13 -11.65
N LEU A 143 -5.94 4.53 -11.60
CA LEU A 143 -5.11 4.31 -10.44
C LEU A 143 -5.12 5.64 -9.65
N LEU A 144 -5.56 5.53 -8.41
CA LEU A 144 -5.84 6.68 -7.58
C LEU A 144 -4.81 6.72 -6.43
N CYS A 145 -4.48 7.93 -5.98
CA CYS A 145 -3.77 8.05 -4.69
C CYS A 145 -4.78 8.06 -3.55
N PRO A 146 -4.36 7.92 -2.30
CA PRO A 146 -5.25 7.94 -1.16
C PRO A 146 -6.25 9.09 -1.12
N SER A 147 -5.93 10.28 -1.59
CA SER A 147 -6.85 11.40 -1.67
C SER A 147 -7.91 11.33 -2.76
N GLY A 148 -7.89 10.31 -3.61
CA GLY A 148 -8.84 10.23 -4.72
C GLY A 148 -8.38 10.97 -5.97
N HIS A 149 -7.13 11.40 -6.05
CA HIS A 149 -6.58 11.95 -7.28
C HIS A 149 -5.92 10.88 -8.17
N VAL A 150 -5.90 11.18 -9.45
CA VAL A 150 -5.52 10.19 -10.46
C VAL A 150 -4.03 10.26 -10.74
N VAL A 151 -3.34 9.14 -10.51
CA VAL A 151 -1.94 9.03 -10.87
C VAL A 151 -1.79 8.42 -12.27
N GLY A 152 -2.77 7.62 -12.70
CA GLY A 152 -2.61 6.97 -14.00
C GLY A 152 -3.86 6.23 -14.50
N ILE A 153 -3.68 5.55 -15.62
CA ILE A 153 -4.76 4.75 -16.20
C ILE A 153 -4.23 3.37 -16.52
N PHE A 154 -4.94 2.36 -16.06
CA PHE A 154 -4.59 0.95 -16.21
C PHE A 154 -4.51 0.52 -17.67
N ARG A 155 -3.39 -0.14 -17.97
CA ARG A 155 -3.12 -0.53 -19.35
C ARG A 155 -3.03 -2.04 -19.57
N ALA A 156 -2.33 -2.74 -18.69
CA ALA A 156 -2.02 -4.16 -18.94
C ALA A 156 -1.64 -4.86 -17.65
N ALA A 157 -2.02 -6.12 -17.53
CA ALA A 157 -1.72 -6.93 -16.35
C ALA A 157 -0.39 -7.65 -16.54
N VAL A 158 0.48 -7.67 -15.55
CA VAL A 158 1.64 -8.55 -15.59
C VAL A 158 1.27 -9.83 -14.85
N CYS A 159 1.40 -10.94 -15.60
CA CYS A 159 0.71 -12.14 -15.16
C CYS A 159 1.40 -13.42 -15.59
N THR A 160 1.11 -14.53 -14.92
CA THR A 160 1.55 -15.86 -15.31
C THR A 160 0.55 -16.89 -14.80
N ARG A 161 0.29 -17.86 -15.67
CA ARG A 161 -0.65 -18.94 -15.44
C ARG A 161 -1.99 -18.39 -14.95
N GLY A 162 -2.38 -17.29 -15.57
CA GLY A 162 -3.66 -16.65 -15.37
C GLY A 162 -3.77 -15.88 -14.07
N VAL A 163 -2.66 -15.65 -13.38
CA VAL A 163 -2.75 -14.79 -12.18
C VAL A 163 -1.89 -13.55 -12.38
N ALA A 164 -2.48 -12.42 -12.02
CA ALA A 164 -1.87 -11.12 -12.15
C ALA A 164 -1.18 -10.70 -10.85
N LYS A 165 0.09 -10.34 -10.91
CA LYS A 165 0.85 -9.93 -9.73
C LYS A 165 1.13 -8.44 -9.75
N ALA A 166 1.01 -7.85 -10.96
CA ALA A 166 1.32 -6.43 -11.08
C ALA A 166 0.59 -5.83 -12.28
N VAL A 167 0.60 -4.51 -12.36
CA VAL A 167 -0.11 -3.83 -13.43
C VAL A 167 0.81 -2.78 -14.09
N ASP A 168 0.62 -2.65 -15.38
CA ASP A 168 1.21 -1.60 -16.19
C ASP A 168 0.23 -0.44 -16.32
N PHE A 169 0.65 0.79 -16.12
CA PHE A 169 -0.30 1.91 -16.25
C PHE A 169 0.31 3.08 -17.00
N ILE A 170 -0.53 3.93 -17.53
CA ILE A 170 -0.07 5.11 -18.27
C ILE A 170 -0.11 6.30 -17.31
N PRO A 171 1.05 6.88 -17.01
CA PRO A 171 1.15 7.88 -15.97
C PRO A 171 0.39 9.13 -16.37
N VAL A 172 -0.21 9.80 -15.38
CA VAL A 172 -1.02 10.99 -15.64
C VAL A 172 -0.25 12.12 -16.30
N GLU A 173 1.06 12.12 -16.20
CA GLU A 173 1.96 13.01 -16.92
C GLU A 173 1.83 12.89 -18.44
N SER A 174 1.66 11.66 -18.94
CA SER A 174 1.42 11.42 -20.35
C SER A 174 0.12 12.08 -20.82
N MET A 175 -0.77 12.36 -19.88
CA MET A 175 -2.06 12.97 -20.20
C MET A 175 -1.98 14.49 -20.21
N ALA B 1 -1.48 1.67 2.83
CA ALA B 1 -1.03 0.49 3.64
C ALA B 1 -2.22 -0.36 4.07
N PRO B 2 -2.18 -1.66 3.75
CA PRO B 2 -3.20 -2.63 4.10
C PRO B 2 -2.98 -3.31 5.45
N ILE B 3 -1.92 -2.87 6.11
CA ILE B 3 -1.63 -3.22 7.50
C ILE B 3 -1.92 -1.94 8.27
N THR B 4 -2.60 -2.07 9.40
CA THR B 4 -2.90 -0.91 10.21
C THR B 4 -2.30 -1.14 11.61
N ALA B 5 -1.95 -0.07 12.30
CA ALA B 5 -1.48 -0.28 13.69
C ALA B 5 -2.00 0.80 14.62
N TYR B 6 -2.14 0.46 15.90
CA TYR B 6 -2.21 1.54 16.89
C TYR B 6 -1.42 1.15 18.15
N SER B 7 -1.18 2.21 18.93
CA SER B 7 -0.37 2.03 20.15
C SER B 7 -1.17 2.33 21.41
N GLN B 8 -0.79 1.68 22.51
CA GLN B 8 -1.31 1.96 23.83
C GLN B 8 -0.14 2.12 24.79
N GLN B 9 -0.07 3.28 25.44
CA GLN B 9 0.94 3.51 26.48
C GLN B 9 0.53 2.74 27.72
N THR B 10 1.50 2.27 28.53
CA THR B 10 1.18 1.40 29.65
C THR B 10 1.91 1.90 30.90
N ARG B 11 2.93 2.70 30.72
CA ARG B 11 3.60 3.26 31.90
C ARG B 11 4.07 4.68 31.61
N GLY B 12 4.35 5.43 32.69
CA GLY B 12 5.05 6.70 32.50
C GLY B 12 6.42 6.61 33.18
N LEU B 13 7.07 7.77 33.28
CA LEU B 13 8.41 7.86 33.82
C LEU B 13 8.60 7.17 35.16
N LEU B 14 7.80 7.52 36.17
CA LEU B 14 8.08 7.04 37.52
C LEU B 14 7.97 5.52 37.52
N GLY B 15 6.89 5.01 36.91
CA GLY B 15 6.71 3.57 36.79
C GLY B 15 7.93 2.91 36.13
N CYS B 16 8.43 3.58 35.09
CA CYS B 16 9.51 3.05 34.27
C CYS B 16 10.78 3.01 35.13
N ILE B 17 11.07 4.13 35.79
CA ILE B 17 12.30 4.23 36.58
C ILE B 17 12.32 3.12 37.61
N ILE B 18 11.19 2.87 38.24
CA ILE B 18 11.07 1.89 39.30
C ILE B 18 11.00 0.46 38.81
N THR B 19 10.27 0.21 37.71
CA THR B 19 10.33 -1.12 37.11
C THR B 19 11.75 -1.46 36.65
N SER B 20 12.58 -0.54 36.14
CA SER B 20 13.93 -0.97 35.74
C SER B 20 14.72 -1.50 36.94
N LEU B 21 14.58 -0.84 38.09
CA LEU B 21 15.33 -1.22 39.28
C LEU B 21 14.83 -2.46 39.99
N THR B 22 13.52 -2.75 39.97
CA THR B 22 13.06 -3.99 40.61
C THR B 22 13.09 -5.17 39.64
N GLY B 23 13.14 -4.90 38.33
CA GLY B 23 13.05 -5.94 37.34
C GLY B 23 11.70 -6.65 37.32
N ARG B 24 10.72 -6.09 38.02
CA ARG B 24 9.46 -6.82 38.22
C ARG B 24 8.33 -6.05 37.53
N ASP B 25 7.75 -6.61 36.48
CA ASP B 25 6.69 -5.89 35.75
C ASP B 25 5.42 -6.74 35.83
N LYS B 26 4.40 -6.19 36.47
CA LYS B 26 3.16 -6.93 36.62
C LYS B 26 2.10 -6.56 35.60
N ASN B 27 2.33 -5.55 34.76
CA ASN B 27 1.37 -5.21 33.72
C ASN B 27 1.04 -6.37 32.80
N GLN B 28 -0.22 -6.51 32.39
CA GLN B 28 -0.55 -7.46 31.33
C GLN B 28 0.16 -7.01 30.06
N VAL B 29 0.72 -7.99 29.35
CA VAL B 29 1.40 -7.74 28.08
C VAL B 29 0.40 -8.03 26.96
N ASP B 30 0.40 -7.22 25.91
CA ASP B 30 -0.34 -7.59 24.70
C ASP B 30 0.37 -7.01 23.49
N GLY B 31 -0.12 -7.33 22.28
CA GLY B 31 0.41 -6.80 21.05
C GLY B 31 1.60 -7.57 20.51
N GLU B 32 1.85 -7.38 19.23
CA GLU B 32 2.93 -7.99 18.48
C GLU B 32 4.25 -7.28 18.75
N VAL B 33 4.16 -5.96 18.98
CA VAL B 33 5.36 -5.14 19.14
C VAL B 33 5.36 -4.47 20.52
N GLN B 34 6.46 -4.62 21.25
CA GLN B 34 6.56 -4.01 22.58
C GLN B 34 7.34 -2.69 22.51
N VAL B 35 6.85 -1.69 23.24
CA VAL B 35 7.56 -0.39 23.20
C VAL B 35 8.50 -0.36 24.38
N LEU B 36 9.83 -0.32 24.20
CA LEU B 36 10.75 -0.46 25.30
C LEU B 36 11.54 0.80 25.64
N SER B 37 11.93 0.90 26.92
CA SER B 37 12.81 1.98 27.35
C SER B 37 13.83 1.54 28.43
N THR B 38 15.04 2.08 28.25
CA THR B 38 16.02 2.02 29.34
C THR B 38 16.21 3.43 29.89
N ALA B 39 17.16 3.60 30.80
CA ALA B 39 17.50 4.91 31.33
C ALA B 39 17.68 5.94 30.21
N THR B 40 18.58 5.62 29.30
CA THR B 40 19.02 6.49 28.23
C THR B 40 18.35 6.25 26.88
N GLN B 41 17.81 5.05 26.62
CA GLN B 41 17.30 4.77 25.29
C GLN B 41 15.84 4.34 25.19
N SER B 42 15.42 4.37 23.93
CA SER B 42 14.04 4.05 23.57
C SER B 42 14.02 3.22 22.30
N PHE B 43 13.31 2.09 22.31
CA PHE B 43 13.39 1.18 21.15
C PHE B 43 12.22 0.20 21.21
N LEU B 44 12.20 -0.70 20.22
CA LEU B 44 11.04 -1.59 20.08
C LEU B 44 11.47 -3.07 20.10
N ALA B 45 10.53 -3.94 20.45
CA ALA B 45 10.83 -5.38 20.35
C ALA B 45 9.71 -6.00 19.51
N THR B 46 10.09 -6.81 18.52
CA THR B 46 9.09 -7.55 17.73
C THR B 46 9.05 -9.00 18.22
N CYS B 47 7.86 -9.50 18.48
CA CYS B 47 7.60 -10.86 18.94
C CYS B 47 7.40 -11.83 17.78
N VAL B 48 8.33 -12.77 17.61
CA VAL B 48 8.35 -13.70 16.51
C VAL B 48 8.61 -15.09 17.07
N ASN B 49 7.65 -15.99 16.93
CA ASN B 49 7.69 -17.34 17.44
C ASN B 49 8.02 -17.44 18.93
N GLY B 50 7.27 -16.80 19.81
CA GLY B 50 7.57 -16.93 21.22
C GLY B 50 8.81 -16.21 21.73
N VAL B 51 9.51 -15.41 20.93
CA VAL B 51 10.67 -14.66 21.38
C VAL B 51 10.49 -13.17 21.09
N CYS B 52 10.84 -12.29 22.03
CA CYS B 52 10.84 -10.85 21.78
C CYS B 52 12.23 -10.44 21.30
N TRP B 53 12.34 -10.02 20.05
CA TRP B 53 13.60 -9.63 19.48
C TRP B 53 13.78 -8.12 19.52
N THR B 54 15.04 -7.69 19.67
CA THR B 54 15.34 -6.26 19.55
C THR B 54 16.81 -6.08 19.21
N VAL B 55 17.22 -4.84 19.07
CA VAL B 55 18.60 -4.51 18.70
C VAL B 55 19.53 -4.60 19.92
N TYR B 56 20.68 -5.25 19.75
CA TYR B 56 21.73 -5.22 20.77
C TYR B 56 22.18 -3.81 21.11
N HIS B 57 22.30 -2.94 20.09
CA HIS B 57 22.86 -1.62 20.35
C HIS B 57 21.91 -0.89 21.29
N GLY B 58 20.64 -1.35 21.34
CA GLY B 58 19.78 -0.73 22.33
C GLY B 58 19.62 -1.50 23.63
N ALA B 59 19.42 -2.83 23.63
CA ALA B 59 19.20 -3.49 24.91
C ALA B 59 20.51 -3.87 25.62
N GLY B 60 21.62 -3.90 24.92
CA GLY B 60 22.87 -4.38 25.49
C GLY B 60 22.67 -5.82 25.96
N SER B 61 23.26 -6.15 27.12
CA SER B 61 23.04 -7.49 27.67
C SER B 61 21.98 -7.52 28.75
N LYS B 62 21.14 -6.47 28.82
CA LYS B 62 20.20 -6.34 29.94
C LYS B 62 19.08 -7.36 29.96
N THR B 63 18.48 -7.58 31.12
CA THR B 63 17.34 -8.44 31.32
C THR B 63 16.08 -7.60 31.00
N LEU B 64 14.97 -8.27 30.75
CA LEU B 64 13.71 -7.56 30.50
C LEU B 64 12.81 -7.68 31.73
N ALA B 65 12.28 -6.60 32.26
CA ALA B 65 11.39 -6.74 33.43
C ALA B 65 10.16 -7.56 33.06
N GLY B 66 9.79 -8.49 33.94
CA GLY B 66 8.80 -9.51 33.67
C GLY B 66 7.95 -9.78 34.93
N PRO B 67 6.91 -10.59 34.78
CA PRO B 67 5.91 -10.80 35.82
C PRO B 67 6.42 -11.66 36.95
N LYS B 68 7.41 -12.52 36.68
CA LYS B 68 8.18 -13.17 37.76
C LYS B 68 9.58 -12.65 37.97
N GLY B 69 9.81 -11.35 37.81
CA GLY B 69 11.15 -10.79 37.94
C GLY B 69 11.88 -10.68 36.59
N PRO B 70 13.14 -10.32 36.63
CA PRO B 70 13.91 -10.07 35.42
C PRO B 70 14.05 -11.27 34.49
N ILE B 71 13.97 -11.03 33.18
CA ILE B 71 14.09 -12.13 32.22
C ILE B 71 15.43 -12.07 31.52
N THR B 72 16.23 -13.12 31.60
CA THR B 72 17.52 -13.22 30.93
C THR B 72 17.34 -13.43 29.44
N GLN B 73 18.16 -12.81 28.61
CA GLN B 73 18.14 -13.03 27.18
C GLN B 73 18.40 -14.50 26.86
N MET B 74 17.74 -15.02 25.82
CA MET B 74 17.96 -16.40 25.38
C MET B 74 18.88 -16.40 24.17
N TYR B 75 18.98 -15.21 23.57
CA TYR B 75 19.82 -15.08 22.38
C TYR B 75 20.55 -13.75 22.46
N THR B 76 21.88 -13.82 22.37
CA THR B 76 22.68 -12.60 22.34
C THR B 76 23.71 -12.68 21.23
N ASN B 77 23.49 -11.96 20.13
CA ASN B 77 24.42 -11.98 19.01
C ASN B 77 24.91 -10.58 18.71
N VAL B 78 26.08 -10.24 19.26
CA VAL B 78 26.61 -8.89 19.12
C VAL B 78 26.85 -8.58 17.64
N ASP B 79 27.38 -9.54 16.88
CA ASP B 79 27.78 -9.21 15.53
C ASP B 79 26.57 -8.92 14.64
N GLN B 80 25.47 -9.65 14.82
CA GLN B 80 24.27 -9.31 14.08
C GLN B 80 23.41 -8.24 14.73
N ASP B 81 23.82 -7.66 15.85
CA ASP B 81 23.12 -6.61 16.56
C ASP B 81 21.73 -7.10 16.97
N LEU B 82 21.66 -8.37 17.40
CA LEU B 82 20.35 -8.96 17.71
C LEU B 82 20.31 -9.58 19.09
N VAL B 83 19.24 -9.31 19.86
CA VAL B 83 19.01 -10.07 21.07
C VAL B 83 17.56 -10.51 21.16
N GLY B 84 17.32 -11.57 21.93
CA GLY B 84 15.93 -12.03 22.13
C GLY B 84 15.71 -12.48 23.58
N TRP B 85 14.59 -12.12 24.19
CA TRP B 85 14.08 -12.72 25.42
C TRP B 85 12.85 -13.59 25.14
N PRO B 86 12.63 -14.67 25.86
CA PRO B 86 11.36 -15.42 25.85
C PRO B 86 10.24 -14.40 26.02
N ALA B 87 9.28 -14.36 25.10
CA ALA B 87 8.21 -13.37 25.21
C ALA B 87 7.37 -13.64 26.44
N PRO B 88 7.05 -12.62 27.21
CA PRO B 88 6.13 -12.77 28.33
C PRO B 88 4.78 -13.18 27.79
N PRO B 89 3.99 -13.93 28.54
CA PRO B 89 2.67 -14.38 28.12
C PRO B 89 1.77 -13.17 27.91
N GLY B 90 1.07 -13.17 26.79
CA GLY B 90 0.20 -12.03 26.45
C GLY B 90 0.71 -11.47 25.11
N ALA B 91 2.01 -11.55 24.89
CA ALA B 91 2.58 -11.04 23.63
C ALA B 91 1.97 -11.81 22.46
N ARG B 92 1.58 -11.14 21.41
CA ARG B 92 1.08 -11.83 20.21
C ARG B 92 2.27 -12.09 19.28
N SER B 93 2.51 -13.36 19.01
CA SER B 93 3.72 -13.76 18.30
C SER B 93 3.44 -13.74 16.80
N MET B 94 4.31 -13.11 16.03
CA MET B 94 4.17 -13.07 14.58
C MET B 94 4.92 -14.22 13.94
N THR B 95 4.66 -14.45 12.66
CA THR B 95 5.29 -15.61 11.99
C THR B 95 6.22 -15.04 10.94
N PRO B 96 7.43 -15.55 10.79
CA PRO B 96 8.34 -15.20 9.74
C PRO B 96 7.79 -15.24 8.33
N CYS B 97 8.35 -14.39 7.45
CA CYS B 97 7.90 -14.39 6.05
C CYS B 97 8.81 -15.24 5.17
N THR B 98 8.17 -16.06 4.36
CA THR B 98 8.87 -16.96 3.44
C THR B 98 8.51 -16.64 1.99
N CYS B 99 7.47 -15.84 1.80
CA CYS B 99 6.94 -15.53 0.48
C CYS B 99 7.91 -14.74 -0.40
N GLY B 100 8.88 -14.06 0.18
CA GLY B 100 9.91 -13.38 -0.61
C GLY B 100 9.41 -12.12 -1.31
N SER B 101 8.26 -11.59 -0.91
CA SER B 101 7.84 -10.27 -1.39
C SER B 101 8.92 -9.22 -1.15
N SER B 102 9.01 -8.32 -2.11
CA SER B 102 9.78 -7.10 -1.97
C SER B 102 8.97 -5.90 -1.53
N ASP B 103 7.65 -6.03 -1.41
CA ASP B 103 6.81 -4.89 -1.05
C ASP B 103 6.60 -4.89 0.47
N LEU B 104 7.38 -4.07 1.17
CA LEU B 104 7.46 -4.17 2.63
C LEU B 104 6.77 -3.01 3.32
N TYR B 105 6.51 -3.11 4.60
CA TYR B 105 6.02 -2.12 5.52
C TYR B 105 6.90 -2.07 6.77
N LEU B 106 7.33 -0.88 7.18
CA LEU B 106 7.94 -0.69 8.49
C LEU B 106 6.94 -0.20 9.51
N VAL B 107 6.84 -0.85 10.68
CA VAL B 107 6.00 -0.31 11.75
C VAL B 107 6.84 0.51 12.73
N THR B 108 6.44 1.79 12.90
CA THR B 108 7.26 2.68 13.71
C THR B 108 6.73 2.75 15.14
N ARG B 109 7.50 3.38 16.03
CA ARG B 109 7.09 3.59 17.41
C ARG B 109 5.81 4.43 17.48
N HIS B 110 5.53 5.27 16.47
CA HIS B 110 4.28 6.01 16.53
C HIS B 110 3.15 5.20 15.89
N ALA B 111 3.31 3.89 15.72
CA ALA B 111 2.35 3.06 15.06
C ALA B 111 2.00 3.55 13.65
N ASP B 112 2.90 4.23 12.94
CA ASP B 112 2.62 4.36 11.51
C ASP B 112 3.16 3.14 10.79
N VAL B 113 2.59 2.88 9.62
CA VAL B 113 2.99 1.75 8.79
C VAL B 113 3.53 2.28 7.47
N ILE B 114 4.86 2.32 7.32
CA ILE B 114 5.43 3.03 6.18
C ILE B 114 5.97 2.08 5.13
N PRO B 115 5.76 2.47 3.87
CA PRO B 115 6.10 1.67 2.71
C PRO B 115 7.59 1.58 2.48
N VAL B 116 8.08 0.34 2.33
CA VAL B 116 9.54 0.20 2.09
C VAL B 116 9.74 -0.67 0.86
N ARG B 117 10.65 -0.40 -0.07
CA ARG B 117 10.94 -1.43 -1.07
C ARG B 117 12.20 -2.25 -0.74
N ARG B 118 12.07 -3.56 -0.67
CA ARG B 118 13.27 -4.36 -0.38
C ARG B 118 14.28 -4.22 -1.51
N ARG B 119 15.52 -3.91 -1.17
CA ARG B 119 16.60 -3.68 -2.11
C ARG B 119 17.77 -4.65 -1.99
N GLY B 120 17.74 -5.55 -1.03
CA GLY B 120 18.81 -6.53 -0.85
C GLY B 120 18.48 -7.31 0.43
N ASP B 121 19.42 -8.15 0.85
CA ASP B 121 19.21 -8.96 2.04
C ASP B 121 18.85 -8.09 3.25
N SER B 122 19.59 -7.02 3.50
CA SER B 122 19.48 -6.27 4.74
C SER B 122 19.15 -4.80 4.55
N ARG B 123 18.71 -4.41 3.36
CA ARG B 123 18.39 -3.03 3.00
C ARG B 123 17.04 -2.84 2.30
N GLY B 124 16.37 -1.73 2.57
CA GLY B 124 15.15 -1.41 1.80
C GLY B 124 15.07 0.11 1.64
N SER B 125 14.52 0.60 0.53
CA SER B 125 14.41 2.05 0.36
C SER B 125 13.03 2.51 0.78
N LEU B 126 12.97 3.66 1.43
CA LEU B 126 11.71 4.29 1.76
C LEU B 126 11.12 4.93 0.51
N LEU B 127 9.87 4.59 0.22
CA LEU B 127 9.16 5.17 -0.90
C LEU B 127 9.01 6.68 -0.66
N SER B 128 8.83 7.10 0.59
CA SER B 128 8.87 8.55 0.86
C SER B 128 9.93 8.83 1.91
N PRO B 129 10.89 9.68 1.67
CA PRO B 129 11.92 9.99 2.68
C PRO B 129 11.30 10.54 3.95
N ARG B 130 11.90 10.22 5.09
CA ARG B 130 11.46 10.76 6.38
C ARG B 130 12.64 11.44 7.07
N PRO B 131 12.39 12.40 7.92
CA PRO B 131 13.44 12.88 8.81
C PRO B 131 13.90 11.72 9.69
N VAL B 132 15.20 11.60 9.96
CA VAL B 132 15.70 10.59 10.87
C VAL B 132 15.06 10.69 12.25
N SER B 133 14.73 11.87 12.73
CA SER B 133 14.09 12.11 14.01
C SER B 133 12.79 11.35 14.16
N TYR B 134 12.08 11.20 13.05
CA TYR B 134 10.85 10.43 13.00
C TYR B 134 11.06 8.92 13.27
N LEU B 135 12.16 8.38 12.80
CA LEU B 135 12.54 6.99 13.00
C LEU B 135 13.17 6.67 14.35
N LYS B 136 13.76 7.64 15.05
CA LYS B 136 14.38 7.47 16.34
C LYS B 136 13.42 6.81 17.35
N GLY B 137 13.88 5.83 18.09
CA GLY B 137 13.03 5.06 18.99
C GLY B 137 12.31 3.91 18.26
N SER B 138 12.50 3.72 16.96
CA SER B 138 11.83 2.62 16.26
C SER B 138 12.71 1.40 16.03
N SER B 139 14.00 1.49 16.28
CA SER B 139 14.90 0.34 16.20
C SER B 139 14.32 -0.88 16.93
N GLY B 140 14.37 -2.00 16.17
CA GLY B 140 13.73 -3.19 16.73
C GLY B 140 12.32 -3.42 16.21
N GLY B 141 11.74 -2.39 15.57
CA GLY B 141 10.36 -2.64 15.04
C GLY B 141 10.50 -3.53 13.75
N PRO B 142 9.32 -4.04 13.35
CA PRO B 142 9.19 -5.04 12.31
C PRO B 142 9.09 -4.47 10.89
N LEU B 143 9.80 -5.09 9.96
CA LEU B 143 9.54 -4.96 8.52
C LEU B 143 8.65 -6.10 8.08
N LEU B 144 7.48 -5.79 7.57
CA LEU B 144 6.47 -6.80 7.26
C LEU B 144 6.22 -6.86 5.74
N CYS B 145 5.86 -8.06 5.26
CA CYS B 145 5.37 -8.23 3.89
C CYS B 145 3.88 -7.93 3.90
N PRO B 146 3.21 -7.85 2.75
CA PRO B 146 1.82 -7.47 2.67
C PRO B 146 0.86 -8.36 3.43
N SER B 147 1.20 -9.62 3.64
CA SER B 147 0.34 -10.50 4.44
C SER B 147 0.58 -10.33 5.93
N GLY B 148 1.54 -9.49 6.35
CA GLY B 148 1.62 -9.20 7.79
C GLY B 148 2.61 -10.17 8.45
N HIS B 149 3.42 -10.85 7.66
CA HIS B 149 4.50 -11.69 8.17
C HIS B 149 5.82 -10.93 8.23
N VAL B 150 6.76 -11.45 9.03
CA VAL B 150 7.92 -10.65 9.37
C VAL B 150 9.14 -10.98 8.54
N VAL B 151 9.69 -9.96 7.86
CA VAL B 151 10.86 -10.12 7.04
C VAL B 151 12.13 -9.73 7.78
N GLY B 152 12.01 -8.78 8.73
CA GLY B 152 13.22 -8.46 9.50
C GLY B 152 12.89 -7.48 10.61
N ILE B 153 13.95 -6.93 11.21
CA ILE B 153 13.71 -5.92 12.26
C ILE B 153 14.56 -4.72 11.96
N PHE B 154 14.00 -3.53 12.22
CA PHE B 154 14.79 -2.33 11.80
C PHE B 154 15.99 -2.07 12.70
N ARG B 155 17.12 -1.77 12.06
CA ARG B 155 18.36 -1.54 12.78
C ARG B 155 18.87 -0.12 12.61
N ALA B 156 18.84 0.47 11.42
CA ALA B 156 19.45 1.78 11.22
C ALA B 156 19.00 2.49 9.95
N ALA B 157 19.08 3.80 9.96
CA ALA B 157 18.61 4.69 8.92
C ALA B 157 19.78 4.99 7.98
N VAL B 158 19.57 4.93 6.66
CA VAL B 158 20.64 5.46 5.80
C VAL B 158 20.20 6.85 5.30
N CYS B 159 20.97 7.81 5.80
CA CYS B 159 20.48 9.20 5.88
C CYS B 159 21.57 10.19 5.50
N THR B 160 21.13 11.35 5.04
CA THR B 160 22.01 12.49 4.81
C THR B 160 21.30 13.80 5.16
N ARG B 161 21.97 14.64 5.93
CA ARG B 161 21.44 15.90 6.38
C ARG B 161 20.13 15.71 7.13
N GLY B 162 20.08 14.61 7.89
CA GLY B 162 18.99 14.33 8.79
C GLY B 162 17.76 13.74 8.09
N VAL B 163 17.87 13.35 6.83
CA VAL B 163 16.75 12.75 6.13
C VAL B 163 17.09 11.33 5.71
N ALA B 164 16.14 10.44 6.04
CA ALA B 164 16.40 9.01 5.85
C ALA B 164 15.79 8.61 4.52
N LYS B 165 16.55 7.99 3.64
CA LYS B 165 16.00 7.62 2.32
C LYS B 165 15.91 6.11 2.25
N ALA B 166 16.57 5.45 3.23
CA ALA B 166 16.47 3.99 3.29
C ALA B 166 16.77 3.45 4.68
N VAL B 167 16.55 2.14 4.84
CA VAL B 167 16.74 1.48 6.11
C VAL B 167 17.55 0.19 6.02
N ASP B 168 18.38 -0.02 7.05
CA ASP B 168 19.05 -1.29 7.30
C ASP B 168 18.29 -2.12 8.32
N PHE B 169 18.12 -3.42 8.07
CA PHE B 169 17.30 -4.28 8.92
C PHE B 169 18.03 -5.63 9.09
N ILE B 170 17.64 -6.35 10.10
CA ILE B 170 18.18 -7.67 10.40
C ILE B 170 17.20 -8.70 9.88
N PRO B 171 17.57 -9.44 8.84
CA PRO B 171 16.68 -10.39 8.20
C PRO B 171 16.23 -11.47 9.14
N VAL B 172 14.98 -11.91 8.95
CA VAL B 172 14.32 -12.85 9.86
C VAL B 172 14.97 -14.22 9.88
N GLU B 173 15.80 -14.52 8.90
CA GLU B 173 16.66 -15.68 8.85
C GLU B 173 17.73 -15.70 9.93
N SER B 174 18.20 -14.51 10.29
CA SER B 174 19.14 -14.33 11.38
C SER B 174 18.53 -14.73 12.73
N MET B 175 17.23 -14.53 12.89
CA MET B 175 16.51 -14.96 14.09
C MET B 175 16.39 -16.47 14.10
N GLY C 2 -18.17 1.99 -36.47
CA GLY C 2 -18.92 1.86 -35.19
C GLY C 2 -18.34 2.84 -34.16
N SER C 3 -19.20 3.51 -33.41
CA SER C 3 -18.75 4.32 -32.29
C SER C 3 -18.54 3.48 -31.03
N VAL C 4 -17.64 3.92 -30.16
CA VAL C 4 -17.57 3.39 -28.79
C VAL C 4 -18.81 3.85 -28.03
N VAL C 5 -19.39 2.97 -27.21
CA VAL C 5 -20.62 3.27 -26.51
C VAL C 5 -20.42 3.21 -24.98
N ILE C 6 -20.97 4.19 -24.27
CA ILE C 6 -21.11 4.18 -22.82
C ILE C 6 -22.27 3.31 -22.34
N VAL C 7 -21.95 2.23 -21.63
CA VAL C 7 -22.96 1.23 -21.28
C VAL C 7 -23.14 1.21 -19.76
N GLY C 8 -22.39 2.00 -19.03
CA GLY C 8 -22.54 2.15 -17.59
C GLY C 8 -21.51 3.14 -17.01
N ARG C 9 -21.37 3.20 -15.69
CA ARG C 9 -20.54 4.23 -15.09
C ARG C 9 -20.28 3.89 -13.63
N ILE C 10 -19.07 4.28 -13.20
CA ILE C 10 -18.63 4.06 -11.85
C ILE C 10 -18.55 5.41 -11.13
N ILE C 11 -19.18 5.42 -9.97
CA ILE C 11 -19.38 6.57 -9.13
C ILE C 11 -18.42 6.47 -7.93
N LEU C 12 -17.59 7.51 -7.90
CA LEU C 12 -16.44 7.53 -7.01
C LEU C 12 -16.76 8.44 -5.83
N SER C 13 -16.20 7.97 -4.72
CA SER C 13 -16.45 8.67 -3.46
C SER C 13 -15.38 8.40 -2.43
N GLY D 2 20.20 -1.93 35.48
CA GLY D 2 18.70 -1.74 35.34
C GLY D 2 18.17 -2.64 34.22
N SER D 3 16.92 -3.08 34.35
CA SER D 3 16.24 -3.89 33.36
C SER D 3 15.66 -3.03 32.25
N VAL D 4 15.53 -3.57 31.03
CA VAL D 4 14.67 -2.96 30.01
C VAL D 4 13.22 -3.03 30.47
N VAL D 5 12.41 -2.01 30.21
CA VAL D 5 11.04 -1.96 30.67
C VAL D 5 10.07 -1.74 29.49
N ILE D 6 9.03 -2.56 29.45
CA ILE D 6 7.89 -2.34 28.56
C ILE D 6 7.05 -1.14 28.99
N VAL D 7 7.03 -0.07 28.20
CA VAL D 7 6.29 1.13 28.53
C VAL D 7 5.07 1.28 27.60
N GLY D 8 4.88 0.39 26.62
CA GLY D 8 3.64 0.48 25.80
C GLY D 8 3.69 -0.68 24.80
N ARG D 9 2.73 -0.73 23.89
CA ARG D 9 2.65 -1.79 22.90
C ARG D 9 1.91 -1.29 21.66
N ILE D 10 2.29 -1.91 20.53
CA ILE D 10 1.66 -1.67 19.24
C ILE D 10 0.91 -2.91 18.76
N ILE D 11 -0.36 -2.69 18.48
CA ILE D 11 -1.32 -3.72 18.09
C ILE D 11 -1.57 -3.59 16.58
N LEU D 12 -1.28 -4.66 15.88
CA LEU D 12 -1.31 -4.74 14.43
C LEU D 12 -2.61 -5.32 13.85
N SER D 13 -2.97 -4.78 12.69
CA SER D 13 -4.02 -5.28 11.83
C SER D 13 -3.58 -5.25 10.36
#